data_5JB8
#
_entry.id   5JB8
#
_cell.length_a   44.230
_cell.length_b   67.140
_cell.length_c   96.830
_cell.angle_alpha   90.000
_cell.angle_beta   90.000
_cell.angle_gamma   90.000
#
_symmetry.space_group_name_H-M   'P 21 21 21'
#
loop_
_entity.id
_entity.type
_entity.pdbx_description
1 polymer 'Coagulation factor IX'
2 polymer 'Coagulation factor IX'
3 non-polymer 'CALCIUM ION'
4 non-polymer L-alpha-glutamyl-N-{(1S)-4-{[amino(iminio)methyl]amino}-1-[(1S)-2-chloro-1-hydroxyethyl]butyl}glycinamide
5 non-polymer 'DIMETHYL SULFOXIDE'
6 water water
#
loop_
_entity_poly.entity_id
_entity_poly.type
_entity_poly.pdbx_seq_one_letter_code
_entity_poly.pdbx_strand_id
1 'polypeptide(L)' CNIKNGRCEQFCKNSADNKVVCSCTEGYRLAENQKSCEPAVPFPCGRVSVSQTSKLTR E
2 'polypeptide(L)'
;VVGGEDAKPGQFPWQVVLNGKVDAFCGGSIVNEKWIVTAAHCVETGVKITVVAGEHNIEETEHTEQKRNVIRIIPHHNYN
AAINTYNHDIALLELDEPLVLNSYVTPICIADKEYTNIFLKFGSGYVSGWGRVFHKGRSALVLQYLRVPLVDRATCLRST
KFTIYNNMFCAGFHEGGRDSCQGDSGGPHVTEVEGTSFLTGIISWGEECAMKGKYGIYTKVSRYVNWIKEKTKLT
;
S
#
loop_
_chem_comp.id
_chem_comp.type
_chem_comp.name
_chem_comp.formula
0GJ peptide-like L-alpha-glutamyl-N-{(1S)-4-{[amino(iminio)methyl]amino}-1-[(1S)-2-chloro-1-hydroxyethyl]butyl}glycinamide 'C14 H28 Cl N6 O5 1'
CA non-polymer 'CALCIUM ION' 'Ca 2'
DMS non-polymer 'DIMETHYL SULFOXIDE' 'C2 H6 O S'
#
# COMPACT_ATOMS: atom_id res chain seq x y z
N CYS A 1 -11.20 17.70 -18.08
CA CYS A 1 -10.35 17.15 -17.00
C CYS A 1 -8.91 17.07 -17.50
N ASN A 2 -8.77 17.39 -18.78
CA ASN A 2 -7.53 17.25 -19.52
C ASN A 2 -6.32 17.86 -18.90
N ILE A 3 -6.42 19.13 -18.52
CA ILE A 3 -5.30 19.84 -17.91
C ILE A 3 -5.48 19.96 -16.40
N LYS A 4 -4.47 19.52 -15.66
CA LYS A 4 -4.43 19.71 -14.21
C LYS A 4 -5.67 19.14 -13.56
N ASN A 5 -6.20 18.05 -14.14
CA ASN A 5 -7.32 17.32 -13.52
C ASN A 5 -8.54 18.19 -13.35
N GLY A 6 -8.73 19.16 -14.24
CA GLY A 6 -9.89 20.02 -14.19
C GLY A 6 -9.92 20.89 -12.95
N ARG A 7 -8.76 21.00 -12.31
CA ARG A 7 -8.61 21.64 -11.00
C ARG A 7 -9.30 20.91 -9.85
N CYS A 8 -9.81 19.69 -10.08
CA CYS A 8 -10.31 18.86 -8.98
C CYS A 8 -9.19 18.36 -8.09
N GLU A 9 -9.35 18.49 -6.78
CA GLU A 9 -8.30 18.08 -5.88
C GLU A 9 -8.10 16.55 -5.95
N GLN A 10 -9.19 15.82 -6.08
CA GLN A 10 -9.16 14.36 -6.22
C GLN A 10 -9.64 13.84 -7.57
N PHE A 11 -10.95 13.74 -7.83
CA PHE A 11 -11.43 13.06 -9.00
C PHE A 11 -12.19 14.01 -9.88
N CYS A 12 -12.00 13.84 -11.17
CA CYS A 12 -12.68 14.64 -12.17
C CYS A 12 -13.42 13.77 -13.16
N LYS A 13 -14.59 14.26 -13.61
CA LYS A 13 -15.35 13.57 -14.65
C LYS A 13 -15.83 14.60 -15.64
N ASN A 14 -15.66 14.35 -16.93
CA ASN A 14 -16.16 15.28 -17.93
C ASN A 14 -17.68 15.17 -18.02
N SER A 15 -18.34 16.32 -18.00
CA SER A 15 -19.79 16.37 -18.05
C SER A 15 -20.31 16.80 -19.43
N ALA A 16 -20.82 18.02 -19.54
CA ALA A 16 -21.36 18.54 -20.80
C ALA A 16 -21.04 20.01 -20.89
N ASP A 17 -21.11 20.57 -22.10
CA ASP A 17 -20.74 21.95 -22.34
C ASP A 17 -19.28 22.17 -21.95
N ASN A 18 -18.47 21.12 -22.12
CA ASN A 18 -17.06 21.16 -21.75
C ASN A 18 -16.85 21.55 -20.29
N LYS A 19 -17.83 21.23 -19.45
CA LYS A 19 -17.71 21.48 -18.02
C LYS A 19 -17.11 20.24 -17.36
N VAL A 20 -16.97 20.27 -16.04
CA VAL A 20 -16.27 19.26 -15.30
C VAL A 20 -16.97 19.13 -13.96
N VAL A 21 -17.06 17.91 -13.46
CA VAL A 21 -17.60 17.67 -12.11
C VAL A 21 -16.53 16.96 -11.26
N CYS A 22 -16.15 17.60 -10.17
CA CYS A 22 -15.21 17.03 -9.18
C CYS A 22 -15.90 16.15 -8.15
N SER A 23 -15.15 15.20 -7.61
CA SER A 23 -15.65 14.37 -6.53
C SER A 23 -14.49 13.94 -5.65
N CYS A 24 -14.81 13.28 -4.54
CA CYS A 24 -13.85 12.97 -3.47
C CYS A 24 -14.04 11.55 -3.01
N THR A 25 -13.03 11.00 -2.34
CA THR A 25 -13.13 9.65 -1.83
C THR A 25 -13.88 9.64 -0.50
N GLU A 26 -14.25 8.43 -0.07
CA GLU A 26 -14.93 8.22 1.22
C GLU A 26 -14.22 8.97 2.34
N GLY A 27 -14.99 9.67 3.19
CA GLY A 27 -14.43 10.42 4.30
C GLY A 27 -14.19 11.88 4.04
N TYR A 28 -14.40 12.27 2.79
CA TYR A 28 -14.27 13.67 2.36
C TYR A 28 -15.60 14.09 1.73
N ARG A 29 -15.83 15.39 1.71
CA ARG A 29 -16.98 15.98 0.99
C ARG A 29 -16.47 16.98 -0.01
N LEU A 30 -17.13 17.06 -1.16
CA LEU A 30 -16.82 18.12 -2.11
C LEU A 30 -17.07 19.48 -1.46
N ALA A 31 -16.05 20.34 -1.49
CA ALA A 31 -16.10 21.59 -0.76
C ALA A 31 -17.01 22.59 -1.47
N GLU A 32 -17.03 23.81 -0.97
CA GLU A 32 -17.98 24.81 -1.44
C GLU A 32 -17.60 25.23 -2.85
N ASN A 33 -16.29 25.41 -3.07
CA ASN A 33 -15.76 25.80 -4.37
C ASN A 33 -15.92 24.76 -5.46
N GLN A 34 -16.50 23.61 -5.09
CA GLN A 34 -16.77 22.51 -6.01
C GLN A 34 -15.53 21.93 -6.71
N LYS A 35 -14.36 22.15 -6.10
CA LYS A 35 -13.10 21.56 -6.55
C LYS A 35 -12.34 20.82 -5.44
N SER A 36 -12.22 21.46 -4.28
CA SER A 36 -11.44 20.91 -3.17
C SER A 36 -12.23 19.86 -2.40
N CYS A 37 -11.51 19.08 -1.60
CA CYS A 37 -12.09 18.00 -0.82
C CYS A 37 -11.85 18.31 0.67
N GLU A 38 -12.93 18.34 1.44
CA GLU A 38 -12.84 18.64 2.87
C GLU A 38 -13.14 17.38 3.66
N PRO A 39 -12.43 17.18 4.78
CA PRO A 39 -12.71 16.03 5.65
C PRO A 39 -14.10 16.07 6.24
N ALA A 40 -14.76 14.92 6.22
CA ALA A 40 -16.10 14.77 6.75
C ALA A 40 -16.15 13.85 7.96
N VAL A 41 -14.99 13.43 8.44
CA VAL A 41 -14.89 12.50 9.57
C VAL A 41 -13.64 12.87 10.37
N PRO A 42 -13.56 12.41 11.63
CA PRO A 42 -12.42 12.74 12.49
C PRO A 42 -11.06 12.26 11.97
N PHE A 43 -11.02 11.07 11.39
CA PHE A 43 -9.77 10.50 10.86
C PHE A 43 -9.97 9.99 9.44
N PRO A 44 -9.98 10.92 8.50
CA PRO A 44 -10.19 10.57 7.09
C PRO A 44 -8.99 9.77 6.55
N CYS A 45 -9.24 8.94 5.55
CA CYS A 45 -8.17 8.12 5.02
C CYS A 45 -7.04 8.95 4.46
N GLY A 46 -5.83 8.39 4.52
CA GLY A 46 -4.69 8.88 3.79
C GLY A 46 -4.03 10.16 4.25
N ARG A 47 -4.35 10.60 5.45
CA ARG A 47 -3.78 11.86 5.97
C ARG A 47 -3.04 11.67 7.29
N VAL A 48 -1.95 12.42 7.39
CA VAL A 48 -1.12 12.44 8.57
C VAL A 48 -1.69 13.53 9.45
N SER A 49 -2.03 13.16 10.69
CA SER A 49 -2.66 14.10 11.62
C SER A 49 -1.85 14.21 12.92
N VAL A 50 -0.80 13.42 13.07
CA VAL A 50 0.08 13.49 14.24
C VAL A 50 0.87 14.79 14.24
N SER A 51 1.40 15.15 13.07
CA SER A 51 2.25 16.33 12.95
C SER A 51 3.44 16.21 13.90
N VAL B 1 13.30 -2.82 4.11
CA VAL B 1 13.64 -1.68 3.21
C VAL B 1 15.13 -1.37 3.28
N VAL B 2 15.80 -1.47 2.14
CA VAL B 2 17.23 -1.24 2.04
C VAL B 2 17.39 0.21 1.58
N GLY B 3 18.24 0.96 2.27
CA GLY B 3 18.57 2.29 1.79
C GLY B 3 17.53 3.36 2.02
N GLY B 4 16.61 3.10 2.98
CA GLY B 4 15.59 4.07 3.35
C GLY B 4 15.98 4.84 4.60
N GLU B 5 14.97 5.38 5.27
CA GLU B 5 15.11 6.28 6.41
C GLU B 5 14.06 5.88 7.42
N ASP B 6 14.30 6.25 8.67
CA ASP B 6 13.34 6.06 9.74
C ASP B 6 12.09 6.92 9.54
N ALA B 7 10.91 6.32 9.63
CA ALA B 7 9.67 7.05 9.71
C ALA B 7 9.57 7.77 11.05
N LYS B 8 8.79 8.83 11.09
CA LYS B 8 8.35 9.43 12.35
C LYS B 8 7.10 8.73 12.82
N PRO B 9 6.86 8.71 14.14
CA PRO B 9 5.59 8.17 14.61
C PRO B 9 4.44 8.84 13.90
N GLY B 10 3.49 8.03 13.43
CA GLY B 10 2.29 8.54 12.79
C GLY B 10 2.46 8.98 11.35
N GLN B 11 3.65 8.81 10.77
CA GLN B 11 3.88 9.25 9.41
C GLN B 11 3.19 8.36 8.39
N PHE B 12 3.02 7.09 8.73
CA PHE B 12 2.36 6.10 7.85
C PHE B 12 1.33 5.36 8.68
N PRO B 13 0.24 6.05 9.10
CA PRO B 13 -0.68 5.48 10.09
C PRO B 13 -1.55 4.34 9.59
N TRP B 14 -1.45 4.09 8.28
CA TRP B 14 -2.11 2.93 7.65
C TRP B 14 -1.25 1.66 7.68
N GLN B 15 0.04 1.79 8.00
CA GLN B 15 0.93 0.64 8.00
C GLN B 15 0.64 -0.24 9.19
N VAL B 16 0.57 -1.55 8.96
CA VAL B 16 0.54 -2.55 10.01
C VAL B 16 1.69 -3.55 9.82
N VAL B 17 2.01 -4.26 10.92
CA VAL B 17 2.93 -5.39 10.87
C VAL B 17 2.15 -6.66 11.16
N LEU B 18 2.53 -7.78 10.54
CA LEU B 18 1.96 -9.11 10.78
C LEU B 18 2.95 -9.96 11.58
N ASN B 19 2.41 -10.63 12.59
CA ASN B 19 3.16 -11.53 13.45
C ASN B 19 2.52 -12.91 13.49
N GLY B 20 3.32 -13.96 13.56
CA GLY B 20 2.82 -15.33 13.56
C GLY B 20 3.86 -16.31 14.08
N LYS B 21 4.05 -17.41 13.37
CA LYS B 21 5.12 -18.35 13.75
C LYS B 21 6.52 -17.73 13.53
N VAL B 22 6.56 -16.63 12.78
CA VAL B 22 7.67 -15.72 12.70
C VAL B 22 7.15 -14.33 13.10
N ASP B 23 7.88 -13.57 13.93
CA ASP B 23 7.49 -12.18 14.21
C ASP B 23 7.90 -11.24 13.07
N ALA B 24 7.05 -10.23 12.81
CA ALA B 24 7.32 -9.18 11.84
C ALA B 24 7.69 -9.74 10.49
N PHE B 25 6.88 -10.67 10.03
CA PHE B 25 7.21 -11.42 8.80
C PHE B 25 6.71 -10.74 7.51
N CYS B 26 5.77 -9.82 7.66
CA CYS B 26 5.21 -9.11 6.52
C CYS B 26 4.55 -7.87 7.02
N GLY B 27 4.22 -7.00 6.07
CA GLY B 27 3.44 -5.80 6.32
C GLY B 27 2.00 -5.90 5.79
N GLY B 28 1.23 -4.82 5.98
CA GLY B 28 -0.12 -4.65 5.43
C GLY B 28 -0.52 -3.22 5.55
N SER B 29 -1.70 -2.93 5.01
CA SER B 29 -2.29 -1.61 5.09
C SER B 29 -3.75 -1.68 5.56
N ILE B 30 -4.13 -0.70 6.35
CA ILE B 30 -5.49 -0.59 6.83
C ILE B 30 -6.42 -0.13 5.72
N VAL B 31 -7.40 -0.97 5.41
CA VAL B 31 -8.47 -0.64 4.46
C VAL B 31 -9.60 0.11 5.24
N ASN B 32 -10.03 -0.46 6.36
CA ASN B 32 -10.95 0.17 7.28
C ASN B 32 -10.82 -0.52 8.64
N GLU B 33 -11.71 -0.23 9.59
N GLU B 33 -12.01 -0.39 9.21
CA GLU B 33 -11.53 -0.67 10.95
CA GLU B 33 -12.14 -0.59 10.62
C GLU B 33 -11.48 -2.18 11.11
C GLU B 33 -11.55 -1.95 10.93
N LYS B 34 -11.99 -2.92 10.13
CA LYS B 34 -12.07 -4.36 10.21
C LYS B 34 -11.20 -5.14 9.22
N TRP B 35 -10.50 -4.42 8.33
CA TRP B 35 -9.88 -5.07 7.14
C TRP B 35 -8.50 -4.52 6.83
N ILE B 36 -7.60 -5.45 6.63
CA ILE B 36 -6.22 -5.18 6.21
C ILE B 36 -6.02 -5.75 4.81
N VAL B 37 -5.26 -5.06 3.96
CA VAL B 37 -4.81 -5.62 2.66
C VAL B 37 -3.32 -5.91 2.73
N THR B 38 -2.92 -7.08 2.25
CA THR B 38 -1.53 -7.55 2.31
C THR B 38 -1.24 -8.39 1.05
N ALA B 39 -0.13 -9.11 1.04
CA ALA B 39 0.25 -9.99 -0.06
C ALA B 39 -0.23 -11.40 0.22
N ALA B 40 -0.77 -12.08 -0.77
CA ALA B 40 -1.21 -13.46 -0.60
C ALA B 40 -0.05 -14.38 -0.22
N HIS B 41 1.16 -14.12 -0.68
CA HIS B 41 2.27 -15.02 -0.32
C HIS B 41 2.63 -14.99 1.17
N CYS B 42 2.17 -13.98 1.89
CA CYS B 42 2.35 -13.84 3.34
C CYS B 42 1.43 -14.75 4.15
N VAL B 43 0.36 -15.28 3.53
CA VAL B 43 -0.75 -15.84 4.32
C VAL B 43 -1.26 -17.05 3.62
N GLU B 44 -0.35 -17.88 3.13
CA GLU B 44 -0.70 -18.98 2.21
C GLU B 44 -1.37 -20.15 2.87
N THR B 45 -1.12 -20.28 4.16
CA THR B 45 -1.43 -21.50 4.87
C THR B 45 -2.74 -21.40 5.64
N GLY B 46 -2.87 -20.31 6.37
CA GLY B 46 -3.98 -20.17 7.31
C GLY B 46 -3.54 -20.52 8.73
N VAL B 47 -2.23 -20.53 9.01
CA VAL B 47 -1.76 -20.56 10.39
C VAL B 47 -2.30 -19.31 11.04
N LYS B 48 -2.34 -19.31 12.35
CA LYS B 48 -2.83 -18.16 13.08
C LYS B 48 -1.85 -16.99 12.97
N ILE B 49 -2.43 -15.81 12.75
CA ILE B 49 -1.70 -14.55 12.58
C ILE B 49 -2.31 -13.46 13.40
N THR B 50 -1.47 -12.53 13.85
CA THR B 50 -1.94 -11.31 14.44
C THR B 50 -1.44 -10.06 13.71
N VAL B 51 -2.18 -8.98 13.85
CA VAL B 51 -1.92 -7.71 13.24
C VAL B 51 -1.70 -6.67 14.30
N VAL B 52 -0.65 -5.84 14.12
CA VAL B 52 -0.44 -4.73 15.01
C VAL B 52 -0.44 -3.45 14.22
N ALA B 53 -1.44 -2.63 14.52
CA ALA B 53 -1.56 -1.27 13.99
C ALA B 53 -0.94 -0.28 15.01
N GLY B 54 -0.65 0.92 14.55
CA GLY B 54 -0.06 1.92 15.42
C GLY B 54 1.34 1.56 15.91
N GLU B 55 2.03 0.72 15.13
CA GLU B 55 3.36 0.24 15.44
C GLU B 55 4.40 1.20 14.86
N HIS B 56 5.45 1.39 15.62
CA HIS B 56 6.57 2.22 15.17
C HIS B 56 7.92 1.54 15.36
N ASN B 57 8.22 1.18 16.60
CA ASN B 57 9.42 0.48 16.98
C ASN B 57 9.02 -0.86 17.48
N ILE B 58 9.43 -1.92 16.80
CA ILE B 58 8.92 -3.23 17.16
C ILE B 58 9.58 -3.85 18.41
N GLU B 59 10.65 -3.23 18.94
CA GLU B 59 11.26 -3.67 20.21
C GLU B 59 10.88 -2.78 21.42
N GLU B 60 10.04 -1.76 21.21
CA GLU B 60 9.71 -0.83 22.33
C GLU B 60 8.20 -0.70 22.38
N THR B 61 7.69 -0.08 23.44
CA THR B 61 6.28 0.23 23.59
C THR B 61 6.01 1.72 23.41
N GLU B 62 5.10 2.03 22.48
CA GLU B 62 4.78 3.41 22.17
C GLU B 62 3.45 3.82 22.85
N HIS B 63 2.69 2.82 23.30
CA HIS B 63 1.31 3.00 23.78
C HIS B 63 0.34 3.51 22.71
N THR B 64 0.73 3.30 21.45
CA THR B 64 -0.13 3.55 20.30
C THR B 64 -0.51 2.25 19.61
N GLU B 65 0.09 1.14 20.02
CA GLU B 65 -0.12 -0.17 19.33
C GLU B 65 -1.52 -0.70 19.59
N GLN B 66 -2.15 -1.22 18.53
CA GLN B 66 -3.43 -1.96 18.64
C GLN B 66 -3.23 -3.32 18.02
N LYS B 67 -3.35 -4.37 18.83
CA LYS B 67 -3.16 -5.76 18.39
C LYS B 67 -4.52 -6.38 18.16
N ARG B 68 -4.65 -7.08 17.04
CA ARG B 68 -5.88 -7.79 16.70
C ARG B 68 -5.58 -9.17 16.14
N ASN B 69 -6.52 -10.07 16.31
CA ASN B 69 -6.47 -11.41 15.71
C ASN B 69 -7.13 -11.40 14.35
N VAL B 70 -6.64 -12.26 13.47
CA VAL B 70 -7.21 -12.39 12.14
C VAL B 70 -8.21 -13.54 12.18
N ILE B 71 -9.40 -13.28 11.71
CA ILE B 71 -10.50 -14.26 11.76
C ILE B 71 -10.93 -14.78 10.39
N ARG B 72 -10.44 -14.16 9.33
CA ARG B 72 -10.76 -14.61 7.99
C ARG B 72 -9.65 -14.09 7.09
N ILE B 73 -9.25 -14.93 6.12
CA ILE B 73 -8.21 -14.57 5.16
C ILE B 73 -8.79 -14.85 3.79
N ILE B 74 -8.73 -13.85 2.89
CA ILE B 74 -9.20 -14.01 1.54
C ILE B 74 -8.06 -13.68 0.56
N PRO B 75 -7.33 -14.71 0.13
CA PRO B 75 -6.36 -14.51 -0.96
C PRO B 75 -7.15 -14.25 -2.21
N HIS B 76 -6.58 -13.48 -3.12
CA HIS B 76 -7.29 -13.31 -4.41
C HIS B 76 -7.55 -14.67 -5.02
N HIS B 77 -8.72 -14.84 -5.65
CA HIS B 77 -9.13 -16.13 -6.17
C HIS B 77 -8.24 -16.65 -7.30
N ASN B 78 -7.48 -15.78 -7.96
CA ASN B 78 -6.55 -16.26 -8.99
C ASN B 78 -5.11 -16.45 -8.50
N TYR B 79 -4.85 -16.13 -7.24
CA TYR B 79 -3.50 -16.34 -6.74
C TYR B 79 -3.25 -17.87 -6.72
N ASN B 80 -2.08 -18.27 -7.16
CA ASN B 80 -1.67 -19.68 -7.20
C ASN B 80 -2.45 -20.51 -8.23
N ALA B 81 -3.17 -19.84 -9.12
CA ALA B 81 -3.69 -20.55 -10.29
C ALA B 81 -2.55 -21.10 -11.15
N ALA B 82 -1.43 -20.40 -11.15
CA ALA B 82 -0.20 -20.77 -11.83
C ALA B 82 0.94 -20.77 -10.82
N ILE B 83 1.62 -21.89 -10.71
CA ILE B 83 2.55 -22.11 -9.61
C ILE B 83 3.75 -21.15 -9.70
N ASN B 84 4.12 -20.60 -8.55
CA ASN B 84 5.36 -19.80 -8.39
C ASN B 84 5.52 -18.54 -9.28
N THR B 85 4.42 -17.91 -9.69
CA THR B 85 4.50 -16.73 -10.54
C THR B 85 4.34 -15.39 -9.80
N TYR B 86 3.82 -15.42 -8.58
CA TYR B 86 3.38 -14.23 -7.82
C TYR B 86 2.35 -13.34 -8.48
N ASN B 87 1.71 -13.85 -9.53
CA ASN B 87 0.57 -13.15 -10.14
C ASN B 87 -0.58 -13.08 -9.13
N HIS B 88 -1.24 -11.92 -9.06
CA HIS B 88 -2.39 -11.73 -8.15
C HIS B 88 -1.97 -11.86 -6.70
N ASP B 89 -0.78 -11.34 -6.37
CA ASP B 89 -0.23 -11.43 -5.02
C ASP B 89 -0.86 -10.38 -4.10
N ILE B 90 -2.06 -10.68 -3.63
CA ILE B 90 -2.84 -9.75 -2.83
C ILE B 90 -3.85 -10.58 -2.02
N ALA B 91 -4.09 -10.18 -0.77
CA ALA B 91 -5.02 -10.87 0.12
C ALA B 91 -5.63 -9.89 1.11
N LEU B 92 -6.79 -10.25 1.66
CA LEU B 92 -7.44 -9.44 2.68
C LEU B 92 -7.59 -10.21 3.96
N LEU B 93 -7.41 -9.51 5.06
CA LEU B 93 -7.47 -10.04 6.43
C LEU B 93 -8.55 -9.31 7.21
N GLU B 94 -9.52 -10.09 7.71
CA GLU B 94 -10.57 -9.56 8.58
C GLU B 94 -10.14 -9.71 10.03
N LEU B 95 -10.29 -8.62 10.76
CA LEU B 95 -9.89 -8.58 12.19
C LEU B 95 -11.04 -9.01 13.11
N ASP B 96 -10.68 -9.59 14.25
CA ASP B 96 -11.69 -10.03 15.26
C ASP B 96 -12.52 -8.85 15.83
N GLU B 97 -11.85 -7.75 16.14
CA GLU B 97 -12.48 -6.59 16.72
C GLU B 97 -12.00 -5.38 15.98
N PRO B 98 -12.87 -4.39 15.77
CA PRO B 98 -12.48 -3.21 15.00
C PRO B 98 -11.32 -2.42 15.63
N LEU B 99 -10.43 -1.94 14.77
CA LEU B 99 -9.45 -1.00 15.17
C LEU B 99 -10.19 0.25 15.61
N VAL B 100 -9.59 1.00 16.53
CA VAL B 100 -10.08 2.34 16.90
C VAL B 100 -9.26 3.39 16.17
N LEU B 101 -9.86 4.11 15.23
CA LEU B 101 -9.10 5.02 14.40
C LEU B 101 -8.64 6.21 15.21
N ASN B 102 -7.44 6.66 14.93
CA ASN B 102 -6.83 7.81 15.59
C ASN B 102 -5.64 8.24 14.75
N SER B 103 -4.83 9.15 15.25
CA SER B 103 -3.75 9.72 14.44
C SER B 103 -2.69 8.68 14.08
N TYR B 104 -2.65 7.59 14.81
CA TYR B 104 -1.65 6.55 14.59
C TYR B 104 -2.21 5.33 13.85
N VAL B 105 -3.52 5.33 13.67
CA VAL B 105 -4.30 4.19 13.16
C VAL B 105 -5.33 4.78 12.21
N THR B 106 -4.97 4.91 10.95
CA THR B 106 -5.81 5.58 9.97
C THR B 106 -5.80 4.76 8.67
N PRO B 107 -6.94 4.63 7.97
CA PRO B 107 -6.90 3.86 6.72
C PRO B 107 -6.12 4.56 5.60
N ILE B 108 -5.69 3.77 4.61
CA ILE B 108 -5.19 4.34 3.36
C ILE B 108 -6.37 4.56 2.38
N CYS B 109 -6.32 5.60 1.57
CA CYS B 109 -7.43 5.82 0.61
C CYS B 109 -7.30 4.86 -0.56
N ILE B 110 -8.41 4.45 -1.14
CA ILE B 110 -8.35 3.62 -2.32
C ILE B 110 -9.32 4.20 -3.39
N ALA B 111 -8.73 4.66 -4.46
CA ALA B 111 -9.48 5.26 -5.58
C ALA B 111 -10.07 4.17 -6.46
N ASP B 112 -10.84 4.59 -7.48
CA ASP B 112 -11.33 3.63 -8.44
C ASP B 112 -10.17 3.12 -9.33
N LYS B 113 -10.47 2.21 -10.25
CA LYS B 113 -9.46 1.64 -11.10
C LYS B 113 -8.74 2.72 -11.92
N GLU B 114 -9.53 3.64 -12.50
CA GLU B 114 -8.95 4.69 -13.31
C GLU B 114 -7.98 5.59 -12.56
N TYR B 115 -8.40 6.12 -11.41
CA TYR B 115 -7.56 7.05 -10.69
C TYR B 115 -6.39 6.36 -9.95
N THR B 116 -6.59 5.11 -9.55
CA THR B 116 -5.48 4.39 -8.97
C THR B 116 -4.35 4.31 -9.99
N ASN B 117 -4.68 4.00 -11.26
CA ASN B 117 -3.67 3.96 -12.30
C ASN B 117 -3.07 5.35 -12.62
N ILE B 118 -3.94 6.35 -12.71
CA ILE B 118 -3.48 7.72 -12.84
C ILE B 118 -2.47 8.07 -11.78
N PHE B 119 -2.77 7.79 -10.51
CA PHE B 119 -1.83 8.09 -9.43
C PHE B 119 -0.51 7.32 -9.55
N LEU B 120 -0.57 6.05 -9.92
CA LEU B 120 0.64 5.25 -10.10
C LEU B 120 1.52 5.91 -11.15
N LYS B 121 0.89 6.37 -12.24
CA LYS B 121 1.65 6.91 -13.38
C LYS B 121 2.28 8.27 -13.13
N PHE B 122 1.81 9.00 -12.13
CA PHE B 122 2.57 10.14 -11.56
C PHE B 122 4.03 9.77 -11.28
N GLY B 123 4.29 8.49 -11.05
CA GLY B 123 5.62 7.95 -11.17
C GLY B 123 6.56 7.95 -9.98
N SER B 124 6.02 8.32 -8.82
CA SER B 124 6.78 8.34 -7.57
C SER B 124 5.86 7.96 -6.40
N GLY B 125 6.22 6.91 -5.69
CA GLY B 125 5.43 6.42 -4.60
C GLY B 125 6.39 6.10 -3.46
N TYR B 126 5.81 5.89 -2.28
CA TYR B 126 6.55 5.52 -1.10
C TYR B 126 6.23 4.08 -0.72
N VAL B 127 7.27 3.36 -0.31
CA VAL B 127 7.15 2.04 0.26
C VAL B 127 7.64 2.13 1.71
N SER B 128 7.12 1.23 2.54
CA SER B 128 7.48 1.23 3.95
C SER B 128 7.37 -0.16 4.54
N GLY B 129 8.12 -0.40 5.63
CA GLY B 129 8.09 -1.66 6.30
C GLY B 129 9.20 -1.89 7.32
N TRP B 130 9.08 -3.03 8.00
CA TRP B 130 10.10 -3.51 8.93
C TRP B 130 10.94 -4.67 8.39
N GLY B 131 11.01 -4.82 7.08
CA GLY B 131 11.84 -5.83 6.49
C GLY B 131 13.32 -5.57 6.56
N ARG B 132 14.03 -6.44 5.86
CA ARG B 132 15.49 -6.44 5.93
C ARG B 132 16.02 -5.12 5.47
N VAL B 133 17.05 -4.65 6.15
CA VAL B 133 17.69 -3.40 5.75
C VAL B 133 18.94 -3.65 4.89
N PHE B 134 19.31 -4.91 4.73
CA PHE B 134 20.25 -5.32 3.71
C PHE B 134 19.83 -6.66 3.14
N HIS B 135 20.15 -6.95 1.89
CA HIS B 135 19.85 -8.25 1.31
C HIS B 135 20.50 -9.34 2.21
N LYS B 136 19.71 -10.34 2.61
CA LYS B 136 20.19 -11.42 3.49
C LYS B 136 20.66 -10.91 4.87
N GLY B 137 20.22 -9.72 5.24
CA GLY B 137 20.62 -9.11 6.49
C GLY B 137 19.51 -9.03 7.52
N ARG B 138 19.75 -8.23 8.55
CA ARG B 138 18.80 -8.10 9.66
C ARG B 138 17.60 -7.21 9.27
N SER B 139 16.53 -7.36 10.05
CA SER B 139 15.28 -6.61 9.92
C SER B 139 15.36 -5.32 10.70
N ALA B 140 14.47 -4.39 10.39
CA ALA B 140 14.45 -3.07 11.01
C ALA B 140 13.72 -3.10 12.34
N LEU B 141 14.20 -2.32 13.33
CA LEU B 141 13.43 -2.10 14.57
C LEU B 141 12.43 -0.96 14.42
N VAL B 142 12.88 0.15 13.85
CA VAL B 142 12.06 1.31 13.53
C VAL B 142 11.56 1.26 12.06
N LEU B 143 10.27 1.57 11.87
CA LEU B 143 9.63 1.53 10.55
C LEU B 143 10.47 2.33 9.57
N GLN B 144 10.81 1.73 8.43
CA GLN B 144 11.54 2.37 7.34
C GLN B 144 10.64 2.82 6.22
N TYR B 145 11.02 3.88 5.52
CA TYR B 145 10.34 4.28 4.30
C TYR B 145 11.34 4.74 3.23
N LEU B 146 10.88 4.68 1.98
CA LEU B 146 11.69 4.96 0.80
C LEU B 146 10.82 5.40 -0.35
N ARG B 147 11.21 6.49 -1.00
CA ARG B 147 10.60 6.88 -2.27
C ARG B 147 11.20 6.10 -3.41
N VAL B 148 10.35 5.47 -4.21
CA VAL B 148 10.82 4.74 -5.36
C VAL B 148 10.20 5.21 -6.66
N PRO B 149 11.03 5.41 -7.70
CA PRO B 149 10.43 5.82 -8.97
C PRO B 149 9.87 4.64 -9.75
N LEU B 150 8.80 4.89 -10.52
CA LEU B 150 8.23 3.92 -11.44
C LEU B 150 9.25 3.62 -12.54
N VAL B 151 9.33 2.36 -12.97
CA VAL B 151 10.27 1.94 -14.01
C VAL B 151 9.47 1.51 -15.22
N ASP B 152 9.91 1.90 -16.43
CA ASP B 152 9.18 1.60 -17.65
C ASP B 152 9.17 0.10 -17.88
N ARG B 153 8.07 -0.36 -18.47
CA ARG B 153 7.85 -1.77 -18.64
C ARG B 153 8.98 -2.48 -19.41
N ALA B 154 9.52 -1.86 -20.47
CA ALA B 154 10.54 -2.55 -21.28
C ALA B 154 11.81 -2.78 -20.50
N THR B 155 12.18 -1.75 -19.74
CA THR B 155 13.31 -1.87 -18.84
C THR B 155 13.14 -2.99 -17.84
N CYS B 156 11.97 -3.03 -17.19
N CYS B 156 11.87 -2.93 -17.39
CA CYS B 156 11.74 -4.04 -16.19
CA CYS B 156 11.35 -3.81 -16.34
C CYS B 156 11.72 -5.44 -16.82
C CYS B 156 11.43 -5.29 -16.73
N LEU B 157 11.12 -5.57 -17.99
CA LEU B 157 11.08 -6.85 -18.70
C LEU B 157 12.50 -7.39 -18.91
N ARG B 158 13.42 -6.53 -19.31
CA ARG B 158 14.78 -6.96 -19.54
C ARG B 158 15.62 -7.26 -18.35
N SER B 159 15.17 -6.87 -17.20
CA SER B 159 15.96 -6.94 -15.97
C SER B 159 15.96 -8.31 -15.33
N THR B 160 15.04 -9.18 -15.76
CA THR B 160 14.82 -10.45 -15.09
C THR B 160 14.36 -11.57 -16.05
N LYS B 161 14.69 -12.79 -15.70
CA LYS B 161 14.22 -13.94 -16.47
C LYS B 161 12.77 -14.27 -16.14
N PHE B 162 12.29 -13.74 -15.02
CA PHE B 162 10.95 -14.08 -14.53
C PHE B 162 9.92 -13.22 -15.24
N THR B 163 8.71 -13.73 -15.42
CA THR B 163 7.68 -13.00 -16.13
C THR B 163 7.08 -11.85 -15.30
N ILE B 164 7.02 -10.64 -15.88
CA ILE B 164 6.30 -9.48 -15.34
C ILE B 164 4.92 -9.35 -15.98
N TYR B 165 3.89 -9.68 -15.21
CA TYR B 165 2.53 -9.66 -15.72
C TYR B 165 1.98 -8.26 -15.74
N ASN B 166 0.89 -8.06 -16.49
CA ASN B 166 0.17 -6.78 -16.53
C ASN B 166 -0.39 -6.36 -15.17
N ASN B 167 -0.55 -7.36 -14.30
CA ASN B 167 -1.02 -7.17 -12.94
C ASN B 167 0.10 -6.73 -11.98
N MET B 168 1.30 -6.42 -12.51
CA MET B 168 2.47 -6.02 -11.74
C MET B 168 3.05 -4.76 -12.33
N PHE B 169 3.86 -4.08 -11.54
CA PHE B 169 4.73 -3.02 -12.01
C PHE B 169 6.06 -3.09 -11.28
N CYS B 170 7.05 -2.42 -11.87
N CYS B 170 7.02 -2.33 -11.80
CA CYS B 170 8.38 -2.36 -11.33
CA CYS B 170 8.38 -2.41 -11.31
C CYS B 170 8.69 -0.96 -10.82
C CYS B 170 8.85 -0.99 -10.92
N ALA B 171 9.50 -0.90 -9.75
CA ALA B 171 9.92 0.40 -9.20
C ALA B 171 11.27 0.27 -8.53
N GLY B 172 12.05 1.34 -8.56
CA GLY B 172 13.39 1.35 -7.96
C GLY B 172 14.34 2.18 -8.79
N PHE B 173 15.62 2.07 -8.47
CA PHE B 173 16.64 2.92 -9.09
C PHE B 173 17.54 2.15 -10.01
N HIS B 174 17.93 2.79 -11.11
CA HIS B 174 18.82 2.16 -12.07
C HIS B 174 20.16 1.74 -11.42
N GLU B 175 20.64 2.55 -10.48
CA GLU B 175 21.90 2.26 -9.80
C GLU B 175 21.78 1.29 -8.61
N GLY B 176 20.56 0.86 -8.26
CA GLY B 176 20.38 -0.04 -7.15
C GLY B 176 20.59 0.65 -5.81
N GLY B 177 20.81 -0.13 -4.74
CA GLY B 177 21.09 0.41 -3.43
C GLY B 177 19.88 0.74 -2.55
N ARG B 178 18.72 0.90 -3.16
CA ARG B 178 17.51 1.29 -2.43
C ARG B 178 16.34 0.43 -2.94
N ASP B 179 15.65 -0.28 -2.04
CA ASP B 179 14.63 -1.22 -2.50
C ASP B 179 13.84 -1.68 -1.28
N SER B 180 12.65 -2.21 -1.53
CA SER B 180 11.97 -3.07 -0.54
C SER B 180 12.68 -4.43 -0.51
N CYS B 181 12.38 -5.27 0.49
CA CYS B 181 13.09 -6.54 0.65
C CYS B 181 12.24 -7.54 1.41
N GLN B 182 12.80 -8.72 1.71
CA GLN B 182 12.07 -9.70 2.50
C GLN B 182 11.63 -9.08 3.81
N GLY B 183 10.46 -9.48 4.24
CA GLY B 183 9.82 -8.93 5.40
C GLY B 183 8.94 -7.74 5.12
N ASP B 184 9.16 -7.09 3.96
CA ASP B 184 8.34 -5.93 3.60
C ASP B 184 7.07 -6.31 2.83
N SER B 185 6.99 -7.55 2.31
CA SER B 185 5.87 -7.92 1.47
C SER B 185 4.56 -7.63 2.16
N GLY B 186 3.57 -7.24 1.36
CA GLY B 186 2.25 -6.93 1.87
C GLY B 186 2.07 -5.52 2.27
N GLY B 187 3.18 -4.83 2.59
CA GLY B 187 3.06 -3.42 2.86
C GLY B 187 2.73 -2.59 1.63
N PRO B 188 2.44 -1.33 1.86
CA PRO B 188 1.94 -0.49 0.79
C PRO B 188 3.01 0.17 -0.05
N HIS B 189 2.65 0.32 -1.31
CA HIS B 189 3.21 1.34 -2.18
C HIS B 189 2.13 2.41 -2.30
N VAL B 190 2.45 3.65 -1.86
CA VAL B 190 1.44 4.72 -1.82
C VAL B 190 1.87 5.93 -2.58
N THR B 191 0.88 6.65 -3.09
CA THR B 191 1.10 7.87 -3.86
C THR B 191 0.33 8.99 -3.14
N GLU B 192 1.05 10.09 -2.85
CA GLU B 192 0.46 11.20 -2.10
C GLU B 192 -0.08 12.21 -3.11
N VAL B 193 -1.36 12.57 -2.98
CA VAL B 193 -1.99 13.45 -3.94
C VAL B 193 -2.48 14.63 -3.11
N GLU B 194 -1.76 15.74 -3.17
CA GLU B 194 -2.12 16.94 -2.40
C GLU B 194 -2.40 16.63 -0.94
N GLY B 195 -1.42 15.97 -0.30
CA GLY B 195 -1.48 15.62 1.10
C GLY B 195 -2.36 14.44 1.46
N THR B 196 -2.97 13.78 0.48
CA THR B 196 -3.80 12.61 0.76
C THR B 196 -3.18 11.40 0.05
N SER B 197 -2.85 10.37 0.85
CA SER B 197 -2.18 9.18 0.30
C SER B 197 -3.18 8.12 -0.17
N PHE B 198 -2.89 7.56 -1.35
CA PHE B 198 -3.69 6.51 -1.97
C PHE B 198 -2.83 5.28 -2.24
N LEU B 199 -3.45 4.13 -2.08
CA LEU B 199 -2.81 2.84 -2.31
C LEU B 199 -2.65 2.58 -3.79
N THR B 200 -1.41 2.45 -4.22
CA THR B 200 -1.11 2.19 -5.64
C THR B 200 -0.42 0.86 -5.93
N GLY B 201 0.14 0.21 -4.90
CA GLY B 201 0.76 -1.09 -5.09
C GLY B 201 0.85 -1.86 -3.76
N ILE B 202 1.11 -3.17 -3.90
CA ILE B 202 1.50 -4.05 -2.79
C ILE B 202 2.92 -4.54 -3.02
N ILE B 203 3.77 -4.44 -1.99
CA ILE B 203 5.13 -4.96 -2.01
C ILE B 203 5.04 -6.49 -2.21
N SER B 204 5.64 -7.02 -3.28
CA SER B 204 5.44 -8.40 -3.70
C SER B 204 6.69 -9.29 -3.86
N TRP B 205 7.59 -9.00 -4.80
CA TRP B 205 8.73 -9.88 -4.99
C TRP B 205 9.92 -9.16 -5.64
N GLY B 206 11.04 -9.86 -5.73
CA GLY B 206 12.17 -9.36 -6.45
C GLY B 206 13.24 -10.40 -6.53
N GLU B 207 14.35 -10.05 -7.17
CA GLU B 207 15.55 -10.91 -7.18
C GLU B 207 16.64 -10.31 -6.29
N GLU B 208 16.89 -10.94 -5.16
CA GLU B 208 17.68 -10.31 -4.10
C GLU B 208 17.00 -8.97 -3.76
N CYS B 209 17.77 -8.04 -3.23
CA CYS B 209 17.25 -6.72 -2.88
C CYS B 209 18.33 -5.69 -3.18
N ALA B 210 17.89 -4.60 -3.78
CA ALA B 210 18.73 -3.42 -4.05
C ALA B 210 19.95 -3.68 -4.92
N MET B 211 19.91 -4.75 -5.72
CA MET B 211 21.02 -5.04 -6.65
C MET B 211 20.91 -4.17 -7.87
N LYS B 212 22.03 -3.67 -8.34
CA LYS B 212 22.02 -2.85 -9.53
C LYS B 212 21.56 -3.67 -10.75
N GLY B 213 20.67 -3.09 -11.52
CA GLY B 213 20.09 -3.79 -12.66
C GLY B 213 18.82 -4.58 -12.35
N LYS B 214 18.45 -4.65 -11.08
CA LYS B 214 17.21 -5.31 -10.66
C LYS B 214 16.25 -4.26 -10.10
N TYR B 215 14.96 -4.59 -10.03
CA TYR B 215 13.94 -3.66 -9.49
C TYR B 215 12.98 -4.43 -8.60
N GLY B 216 12.29 -3.71 -7.74
CA GLY B 216 11.25 -4.30 -6.92
C GLY B 216 10.03 -4.48 -7.79
N ILE B 217 9.33 -5.58 -7.57
CA ILE B 217 8.11 -5.89 -8.30
C ILE B 217 6.95 -5.80 -7.33
N TYR B 218 5.90 -5.15 -7.78
CA TYR B 218 4.76 -4.76 -6.96
C TYR B 218 3.48 -5.23 -7.63
N THR B 219 2.46 -5.59 -6.85
CA THR B 219 1.16 -5.86 -7.36
C THR B 219 0.48 -4.54 -7.70
N LYS B 220 -0.12 -4.49 -8.89
CA LYS B 220 -0.70 -3.30 -9.42
C LYS B 220 -2.11 -3.19 -8.82
N VAL B 221 -2.30 -2.32 -7.80
CA VAL B 221 -3.58 -2.32 -7.06
C VAL B 221 -4.79 -1.89 -7.90
N SER B 222 -4.57 -1.09 -8.94
CA SER B 222 -5.68 -0.60 -9.77
C SER B 222 -6.55 -1.77 -10.29
N ARG B 223 -5.88 -2.88 -10.62
CA ARG B 223 -6.54 -4.09 -11.12
C ARG B 223 -7.40 -4.84 -10.10
N TYR B 224 -7.24 -4.48 -8.79
CA TYR B 224 -7.90 -5.17 -7.70
C TYR B 224 -8.78 -4.30 -6.83
N VAL B 225 -8.90 -3.01 -7.14
CA VAL B 225 -9.65 -2.14 -6.27
C VAL B 225 -11.15 -2.53 -6.23
N ASN B 226 -11.74 -2.95 -7.34
CA ASN B 226 -13.13 -3.41 -7.30
C ASN B 226 -13.33 -4.58 -6.32
N TRP B 227 -12.43 -5.57 -6.39
CA TRP B 227 -12.43 -6.69 -5.47
C TRP B 227 -12.21 -6.26 -3.99
N ILE B 228 -11.26 -5.35 -3.77
CA ILE B 228 -11.05 -4.87 -2.39
C ILE B 228 -12.33 -4.23 -1.85
N LYS B 229 -12.95 -3.35 -2.66
CA LYS B 229 -14.16 -2.67 -2.18
C LYS B 229 -15.31 -3.65 -1.95
N GLU B 230 -15.49 -4.63 -2.82
CA GLU B 230 -16.53 -5.64 -2.66
C GLU B 230 -16.42 -6.48 -1.39
N LYS B 231 -15.19 -6.90 -1.05
CA LYS B 231 -15.01 -7.84 0.04
C LYS B 231 -14.94 -7.17 1.42
N THR B 232 -14.58 -5.88 1.44
CA THR B 232 -14.32 -5.19 2.72
C THR B 232 -15.49 -4.31 3.20
N LYS B 233 -16.67 -4.47 2.59
CA LYS B 233 -17.85 -3.69 3.00
C LYS B 233 -18.18 -3.81 4.45
N LEU B 234 -18.43 -2.69 5.10
CA LEU B 234 -18.92 -2.73 6.46
C LEU B 234 -20.44 -2.60 6.47
N THR B 235 -21.10 -3.37 7.32
CA THR B 235 -22.55 -3.24 7.50
C THR B 235 -23.03 -3.31 8.96
CA CA C . 6.30 -0.59 19.56
N 0GJ D . 12.32 -14.18 -5.92
CA 0GJ D . 12.11 -14.53 -4.57
C 0GJ D . 10.98 -13.69 -4.04
O 0GJ D . 10.94 -12.50 -4.15
CB 0GJ D . 13.40 -14.27 -3.79
CG 0GJ D . 13.26 -14.82 -2.35
CD 0GJ D . 14.49 -14.48 -1.52
OE1 0GJ D . 15.50 -13.92 -2.05
OE2 0GJ D . 14.52 -14.76 -0.29
N1 0GJ D . 9.96 -14.37 -3.35
CA1 0GJ D . 8.88 -13.62 -2.81
C1 0GJ D . 9.37 -12.79 -1.62
O1 0GJ D . 10.30 -13.08 -0.87
N2 0GJ D . 8.63 -11.56 -1.39
CA2 0GJ D . 8.96 -10.75 -0.27
C2 0GJ D . 7.78 -10.73 0.71
O2 0GJ D . 8.39 -10.35 1.99
CB1 0GJ D . 9.27 -9.35 -0.80
CG1 0GJ D . 10.62 -9.26 -1.55
CD1 0GJ D . 10.66 -7.93 -2.36
NE 0GJ D . 11.95 -7.98 -2.98
CZ 0GJ D . 12.47 -6.78 -3.64
NH1 0GJ D . 13.76 -6.87 -4.21
NH2 0GJ D . 11.77 -5.67 -3.74
C3 0GJ D . 7.08 -12.06 0.94
H2 0GJ D . 11.50 -14.16 -6.36
H 0GJ D . 12.86 -14.79 -6.32
HA 0GJ D . 11.88 -15.49 -4.52
HB2 0GJ D . 14.15 -14.71 -4.24
HB3 0GJ D . 13.56 -13.32 -3.76
HG2 0GJ D . 13.14 -15.78 -2.38
HG3 0GJ D . 12.49 -14.42 -1.93
H1 0GJ D . 9.98 -15.27 -3.26
HA2 0GJ D . 8.18 -14.22 -2.53
HA3 0GJ D . 8.54 -13.03 -3.50
H3 0GJ D . 7.91 -11.34 -1.92
HA1 0GJ D . 9.75 -11.11 0.18
HB21 0GJ D . 9.28 -8.74 -0.05
HB31 0GJ D . 8.56 -9.09 -1.41
HG21 0GJ D . 11.36 -9.27 -0.90
HG31 0GJ D . 10.71 -10.01 -2.16
HD2 0GJ D . 9.95 -7.92 -3.04
HD3 0GJ D . 10.58 -7.16 -1.77
HE 0GJ D . 12.46 -8.73 -2.92
HH11 0GJ D . 14.24 -7.66 -4.13
HH12 0GJ D . 14.12 -6.16 -4.64
HH21 0GJ D . 12.12 -4.94 -4.16
HH22 0GJ D . 10.92 -5.62 -3.35
H28 0GJ D . 7.77 -10.40 2.64
H11 0GJ D . 7.72 -12.79 0.82
H21 0GJ D . 6.71 -12.08 1.85
S DMS E . 16.66 0.14 12.57
O DMS E . 17.76 -0.62 13.23
C1 DMS E . 15.81 1.21 13.74
C2 DMS E . 17.34 1.36 11.40
#